data_7F5Y
#
_entry.id   7F5Y
#
_cell.length_a   59.550
_cell.length_b   59.550
_cell.length_c   124.980
_cell.angle_alpha   90.00
_cell.angle_beta   90.00
_cell.angle_gamma   120.00
#
_symmetry.space_group_name_H-M   'P 32 1 2'
#
loop_
_entity.id
_entity.type
_entity.pdbx_description
1 polymer 'Single-stranded DNA-binding protein'
2 non-polymer 'FORMIC ACID'
3 water water
#
_entity_poly.entity_id   1
_entity_poly.type   'polypeptide(L)'
_entity_poly.pdbx_seq_one_letter_code
;KTMAGDTTITIVGNLTADPELRFTPSGAAVANFTVASTPRIYDRQTGEWKDGEALFLRCNIWREAAENVAESLTRGARVI
VSGRLKQRSFETREGEKRTVIEVEVDEIGPSLRYATAKVNKASRSGGFGSGSRPAPAQTSSASGDDPWGSAPASGSFGGG
DDEPPF
;
_entity_poly.pdbx_strand_id   A,B
#
loop_
_chem_comp.id
_chem_comp.type
_chem_comp.name
_chem_comp.formula
FMT non-polymer 'FORMIC ACID' 'C H2 O2'
#
# COMPACT_ATOMS: atom_id res chain seq x y z
N LYS A 1 9.88 -21.87 -0.10
CA LYS A 1 8.53 -21.30 -0.02
C LYS A 1 8.33 -20.59 1.31
N THR A 2 7.34 -19.69 1.33
CA THR A 2 7.01 -18.83 2.46
C THR A 2 6.00 -19.58 3.34
N MET A 3 4.79 -19.03 3.46
CA MET A 3 3.70 -19.62 4.21
C MET A 3 2.42 -19.61 3.34
N ALA A 4 1.37 -20.28 3.82
CA ALA A 4 0.05 -20.29 3.19
C ALA A 4 -1.00 -20.37 4.31
N GLY A 5 -2.23 -19.95 4.00
CA GLY A 5 -3.29 -19.80 4.98
C GLY A 5 -2.90 -18.85 6.12
N ASP A 6 -2.08 -17.86 5.82
CA ASP A 6 -1.87 -16.81 6.82
C ASP A 6 -2.92 -15.69 6.62
N THR A 7 -3.03 -14.83 7.64
CA THR A 7 -4.11 -13.91 7.71
C THR A 7 -3.50 -12.52 7.44
N THR A 8 -3.84 -11.96 6.28
CA THR A 8 -3.29 -10.75 5.77
C THR A 8 -4.23 -9.60 6.15
N ILE A 9 -3.70 -8.39 6.30
N ILE A 9 -3.66 -8.40 6.26
CA ILE A 9 -4.57 -7.24 6.33
CA ILE A 9 -4.37 -7.19 6.57
C ILE A 9 -3.82 -6.03 5.81
C ILE A 9 -3.79 -6.03 5.77
N THR A 10 -4.64 -5.04 5.53
CA THR A 10 -4.26 -3.75 5.09
C THR A 10 -4.79 -2.76 6.13
N ILE A 11 -3.91 -1.94 6.67
CA ILE A 11 -4.34 -0.91 7.59
C ILE A 11 -3.83 0.43 7.08
N VAL A 12 -4.73 1.40 7.16
CA VAL A 12 -4.45 2.80 6.89
C VAL A 12 -4.64 3.60 8.16
N GLY A 13 -3.62 4.37 8.53
CA GLY A 13 -3.69 5.25 9.65
C GLY A 13 -2.39 6.03 9.77
N ASN A 14 -2.09 6.46 10.99
CA ASN A 14 -1.00 7.36 11.32
C ASN A 14 -0.06 6.68 12.30
N LEU A 15 1.24 6.85 12.08
CA LEU A 15 2.27 6.45 13.03
C LEU A 15 2.10 7.25 14.33
N THR A 16 2.16 6.54 15.44
CA THR A 16 2.03 7.12 16.76
C THR A 16 3.33 7.81 17.15
N ALA A 17 4.46 7.43 16.55
CA ALA A 17 5.79 7.88 16.92
C ALA A 17 6.75 7.64 15.75
N ASP A 18 7.95 8.22 15.80
CA ASP A 18 8.94 7.93 14.82
C ASP A 18 9.21 6.43 14.84
N PRO A 19 9.47 5.78 13.68
CA PRO A 19 9.84 4.38 13.70
C PRO A 19 11.12 4.23 14.52
N GLU A 20 11.22 3.12 15.26
CA GLU A 20 12.38 2.76 16.01
C GLU A 20 13.20 1.76 15.20
N LEU A 21 14.44 2.14 14.84
CA LEU A 21 15.29 1.30 14.07
C LEU A 21 16.33 0.68 15.00
N ARG A 22 16.55 -0.63 14.92
CA ARG A 22 17.69 -1.28 15.63
C ARG A 22 18.30 -2.31 14.69
N PHE A 23 19.50 -2.78 15.02
CA PHE A 23 20.20 -3.82 14.25
C PHE A 23 20.36 -5.06 15.13
N THR A 24 20.17 -6.25 14.55
CA THR A 24 20.36 -7.48 15.24
C THR A 24 21.86 -7.73 15.34
N PRO A 25 22.29 -8.64 16.24
CA PRO A 25 23.70 -9.07 16.30
C PRO A 25 24.33 -9.35 14.94
N SER A 26 23.52 -9.74 13.94
CA SER A 26 24.02 -10.10 12.63
C SER A 26 24.08 -8.88 11.70
N GLY A 27 23.62 -7.70 12.16
CA GLY A 27 23.60 -6.46 11.32
C GLY A 27 22.34 -6.31 10.45
N ALA A 28 21.33 -7.16 10.70
CA ALA A 28 20.01 -7.02 10.08
C ALA A 28 19.24 -5.89 10.74
N ALA A 29 18.68 -4.99 9.95
CA ALA A 29 17.85 -3.92 10.43
C ALA A 29 16.44 -4.46 10.76
N VAL A 30 15.86 -3.87 11.81
CA VAL A 30 14.48 -4.11 12.19
C VAL A 30 13.93 -2.76 12.62
N ALA A 31 12.73 -2.42 12.13
CA ALA A 31 12.03 -1.26 12.58
C ALA A 31 10.68 -1.67 13.16
N ASN A 32 10.29 -0.98 14.24
CA ASN A 32 9.04 -1.17 14.91
C ASN A 32 8.33 0.17 14.91
N PHE A 33 7.01 0.15 14.72
CA PHE A 33 6.16 1.32 14.80
C PHE A 33 4.74 0.83 15.01
N THR A 34 3.85 1.75 15.43
CA THR A 34 2.48 1.52 15.68
C THR A 34 1.66 2.39 14.74
N VAL A 35 0.68 1.75 14.09
CA VAL A 35 -0.23 2.46 13.25
C VAL A 35 -1.53 2.63 14.03
N ALA A 36 -2.01 3.87 14.10
CA ALA A 36 -3.25 4.17 14.74
C ALA A 36 -4.26 4.52 13.66
N SER A 37 -5.31 3.72 13.59
CA SER A 37 -6.33 3.91 12.60
C SER A 37 -7.61 4.30 13.33
N THR A 38 -8.19 5.43 12.95
CA THR A 38 -9.38 5.97 13.61
C THR A 38 -10.57 5.92 12.66
N PRO A 39 -11.62 5.11 12.93
CA PRO A 39 -12.77 5.08 12.03
C PRO A 39 -13.64 6.34 12.27
N ARG A 40 -14.75 6.45 11.55
CA ARG A 40 -15.74 7.52 11.80
C ARG A 40 -17.07 7.11 11.19
N LYS A 50 -18.75 11.88 13.53
CA LYS A 50 -17.71 11.90 14.57
C LYS A 50 -16.68 10.80 14.30
N ASP A 51 -15.60 10.83 15.09
CA ASP A 51 -14.55 9.81 15.07
C ASP A 51 -14.98 8.66 15.99
N GLY A 52 -14.62 7.43 15.62
CA GLY A 52 -14.79 6.24 16.46
C GLY A 52 -13.60 6.04 17.38
N GLU A 53 -13.51 4.85 17.99
CA GLU A 53 -12.37 4.47 18.84
C GLU A 53 -11.19 3.98 17.95
N ALA A 54 -9.97 4.35 18.36
CA ALA A 54 -8.75 4.10 17.60
C ALA A 54 -8.31 2.64 17.76
N LEU A 55 -7.90 2.05 16.62
CA LEU A 55 -7.26 0.76 16.60
C LEU A 55 -5.74 0.99 16.51
N PHE A 56 -4.99 0.37 17.43
CA PHE A 56 -3.57 0.50 17.46
C PHE A 56 -2.97 -0.85 17.09
N LEU A 57 -2.23 -0.91 15.98
CA LEU A 57 -1.52 -2.12 15.63
C LEU A 57 -0.01 -1.86 15.60
N ARG A 58 0.70 -2.62 16.43
CA ARG A 58 2.13 -2.63 16.44
C ARG A 58 2.64 -3.42 15.23
N CYS A 59 3.63 -2.86 14.54
CA CYS A 59 4.14 -3.40 13.27
C CYS A 59 5.64 -3.65 13.40
N ASN A 60 6.13 -4.66 12.69
CA ASN A 60 7.53 -4.93 12.50
C ASN A 60 7.86 -5.10 11.02
N ILE A 61 9.04 -4.62 10.62
CA ILE A 61 9.53 -4.72 9.25
C ILE A 61 11.04 -4.85 9.34
N TRP A 62 11.63 -5.52 8.36
CA TRP A 62 13.00 -5.98 8.42
C TRP A 62 13.80 -5.49 7.21
N ARG A 63 15.12 -5.49 7.40
CA ARG A 63 16.15 -5.31 6.37
C ARG A 63 16.03 -3.93 5.72
N GLU A 64 16.23 -3.87 4.40
CA GLU A 64 16.38 -2.62 3.67
C GLU A 64 15.09 -1.79 3.84
N ALA A 65 13.92 -2.43 3.78
CA ALA A 65 12.65 -1.73 3.95
C ALA A 65 12.63 -1.06 5.34
N ALA A 66 13.18 -1.70 6.37
CA ALA A 66 13.23 -1.08 7.71
C ALA A 66 14.00 0.25 7.66
N GLU A 67 15.12 0.29 6.96
CA GLU A 67 15.95 1.52 6.87
C GLU A 67 15.20 2.60 6.08
N ASN A 68 14.55 2.16 5.00
CA ASN A 68 13.80 3.08 4.18
C ASN A 68 12.68 3.71 5.00
N VAL A 69 12.00 2.89 5.82
CA VAL A 69 10.95 3.37 6.71
C VAL A 69 11.52 4.44 7.67
N ALA A 70 12.65 4.14 8.31
CA ALA A 70 13.23 5.00 9.38
C ALA A 70 13.72 6.31 8.76
N GLU A 71 14.24 6.23 7.54
CA GLU A 71 14.64 7.40 6.84
C GLU A 71 13.45 8.24 6.36
N SER A 72 12.30 7.62 5.99
CA SER A 72 11.27 8.33 5.25
C SER A 72 10.16 8.86 6.15
N LEU A 73 9.83 8.16 7.23
CA LEU A 73 8.56 8.41 7.90
C LEU A 73 8.82 8.93 9.32
N THR A 74 7.91 9.76 9.78
CA THR A 74 8.00 10.32 11.13
C THR A 74 6.64 10.21 11.81
N ARG A 75 6.63 10.52 13.11
CA ARG A 75 5.43 10.56 13.84
C ARG A 75 4.35 11.27 13.03
N GLY A 76 3.11 10.75 13.06
CA GLY A 76 1.94 11.39 12.45
C GLY A 76 1.73 11.05 10.97
N ALA A 77 2.74 10.50 10.30
CA ALA A 77 2.68 10.11 8.90
C ALA A 77 1.45 9.21 8.64
N ARG A 78 0.67 9.54 7.62
CA ARG A 78 -0.40 8.69 7.14
C ARG A 78 0.22 7.59 6.25
N VAL A 79 0.01 6.33 6.63
CA VAL A 79 0.62 5.21 5.94
C VAL A 79 -0.44 4.19 5.53
N ILE A 80 -0.09 3.43 4.49
N ILE A 80 -0.09 3.45 4.47
CA ILE A 80 -0.81 2.24 4.11
CA ILE A 80 -0.76 2.24 4.05
C ILE A 80 0.15 1.05 4.21
C ILE A 80 0.22 1.09 4.31
N VAL A 81 -0.29 0.06 5.00
CA VAL A 81 0.50 -1.02 5.46
C VAL A 81 -0.22 -2.29 5.05
N SER A 82 0.50 -3.13 4.30
CA SER A 82 0.02 -4.47 4.01
C SER A 82 0.93 -5.51 4.69
N GLY A 83 0.35 -6.47 5.38
CA GLY A 83 1.14 -7.48 6.05
C GLY A 83 0.28 -8.63 6.52
N ARG A 84 0.81 -9.37 7.49
CA ARG A 84 0.23 -10.59 8.00
C ARG A 84 0.14 -10.46 9.51
N LEU A 85 -1.01 -10.82 10.08
CA LEU A 85 -1.15 -10.82 11.54
C LEU A 85 -0.35 -11.94 12.18
N LYS A 86 0.32 -11.61 13.29
CA LYS A 86 1.04 -12.54 14.10
C LYS A 86 0.61 -12.28 15.56
N GLN A 87 0.67 -13.31 16.40
CA GLN A 87 0.33 -13.17 17.78
C GLN A 87 1.60 -13.32 18.62
N ARG A 88 1.82 -12.44 19.58
CA ARG A 88 2.94 -12.57 20.51
C ARG A 88 2.36 -12.78 21.91
N SER A 89 2.92 -13.74 22.65
CA SER A 89 2.45 -14.05 24.01
C SER A 89 3.39 -13.37 25.03
N PHE A 90 2.82 -12.44 25.80
CA PHE A 90 3.55 -11.55 26.71
C PHE A 90 3.59 -12.18 28.10
N GLU A 94 3.17 -11.80 31.25
CA GLU A 94 3.04 -10.39 31.61
C GLU A 94 1.99 -10.21 32.72
N GLY A 95 0.74 -10.62 32.43
CA GLY A 95 -0.37 -10.60 33.40
C GLY A 95 -0.53 -11.95 34.08
N GLU A 96 -1.45 -12.78 33.55
CA GLU A 96 -1.55 -14.21 33.85
C GLU A 96 -0.85 -15.01 32.75
N LYS A 97 -0.69 -14.39 31.57
CA LYS A 97 -0.32 -15.03 30.28
C LYS A 97 -1.30 -14.52 29.21
N ARG A 98 -0.87 -13.50 28.46
CA ARG A 98 -1.75 -12.86 27.45
C ARG A 98 -1.05 -12.87 26.08
N THR A 99 -1.87 -12.70 25.03
CA THR A 99 -1.43 -12.66 23.65
C THR A 99 -1.83 -11.29 23.05
N VAL A 100 -0.95 -10.75 22.22
CA VAL A 100 -1.24 -9.52 21.49
C VAL A 100 -1.01 -9.79 19.98
N ILE A 101 -1.88 -9.19 19.17
CA ILE A 101 -1.91 -9.25 17.73
C ILE A 101 -0.96 -8.18 17.21
N GLU A 102 0.02 -8.57 16.38
CA GLU A 102 0.92 -7.66 15.71
C GLU A 102 0.90 -7.94 14.21
N VAL A 103 1.54 -7.05 13.46
CA VAL A 103 1.59 -7.03 12.04
C VAL A 103 3.03 -7.20 11.57
N GLU A 104 3.31 -8.31 10.91
CA GLU A 104 4.54 -8.50 10.17
C GLU A 104 4.36 -7.87 8.80
N VAL A 105 5.09 -6.78 8.55
CA VAL A 105 4.77 -5.90 7.43
C VAL A 105 5.38 -6.50 6.16
N ASP A 106 4.59 -6.53 5.07
CA ASP A 106 5.12 -6.94 3.76
C ASP A 106 5.44 -5.72 2.90
N GLU A 107 4.61 -4.68 2.97
CA GLU A 107 4.81 -3.44 2.25
C GLU A 107 4.18 -2.29 3.01
N ILE A 108 4.85 -1.16 2.95
CA ILE A 108 4.35 0.10 3.54
C ILE A 108 4.75 1.26 2.62
N GLY A 109 3.85 2.24 2.55
CA GLY A 109 4.12 3.47 1.92
C GLY A 109 3.36 4.61 2.59
N PRO A 110 3.84 5.86 2.45
CA PRO A 110 3.08 7.03 2.87
C PRO A 110 1.92 7.22 1.90
N SER A 111 0.70 7.41 2.44
CA SER A 111 -0.48 7.73 1.65
C SER A 111 -0.33 9.09 0.96
N LEU A 112 -0.87 9.20 -0.26
CA LEU A 112 -0.88 10.42 -1.06
C LEU A 112 -2.27 11.05 -1.04
N ARG A 113 -3.12 10.59 -0.13
CA ARG A 113 -4.43 11.19 0.06
C ARG A 113 -4.31 12.69 0.46
N TYR A 114 -3.39 13.05 1.36
CA TYR A 114 -3.35 14.48 1.81
C TYR A 114 -1.94 15.03 1.67
N ALA A 115 -1.15 14.42 0.81
CA ALA A 115 0.23 14.73 0.74
C ALA A 115 0.78 14.28 -0.60
N THR A 116 1.90 14.86 -0.97
CA THR A 116 2.66 14.45 -2.09
C THR A 116 3.96 13.93 -1.50
N ALA A 117 4.81 13.37 -2.37
CA ALA A 117 5.99 12.72 -1.90
C ALA A 117 7.01 12.75 -3.02
N LYS A 118 8.28 13.01 -2.67
CA LYS A 118 9.39 12.88 -3.56
C LYS A 118 9.94 11.47 -3.39
N VAL A 119 9.77 10.63 -4.42
CA VAL A 119 10.16 9.22 -4.31
C VAL A 119 11.52 9.05 -4.97
N ASN A 120 12.44 8.34 -4.31
N ASN A 120 12.39 8.26 -4.33
CA ASN A 120 13.77 8.14 -4.83
CA ASN A 120 13.81 8.13 -4.62
C ASN A 120 14.21 6.71 -4.56
C ASN A 120 14.21 6.65 -4.51
N LYS A 121 14.58 6.05 -5.65
CA LYS A 121 15.44 4.83 -5.76
C LYS A 121 14.72 3.79 -6.62
N MET B 3 -21.04 3.80 1.09
CA MET B 3 -21.71 2.56 0.60
C MET B 3 -21.41 1.39 1.56
N ALA B 4 -22.23 0.34 1.45
CA ALA B 4 -21.99 -0.95 2.09
C ALA B 4 -21.91 -2.04 1.00
N GLY B 5 -21.23 -3.15 1.31
CA GLY B 5 -21.18 -4.31 0.41
C GLY B 5 -20.23 -4.10 -0.77
N ASP B 6 -19.29 -3.16 -0.64
CA ASP B 6 -18.21 -2.94 -1.62
C ASP B 6 -17.22 -4.10 -1.54
N THR B 7 -16.58 -4.43 -2.66
CA THR B 7 -15.54 -5.42 -2.68
C THR B 7 -14.20 -4.65 -2.71
N THR B 8 -13.44 -4.73 -1.61
CA THR B 8 -12.17 -4.02 -1.48
C THR B 8 -11.03 -4.97 -1.90
N ILE B 9 -9.91 -4.38 -2.30
CA ILE B 9 -8.76 -5.05 -2.82
C ILE B 9 -7.57 -4.21 -2.38
N THR B 10 -6.48 -4.89 -2.09
CA THR B 10 -5.15 -4.29 -1.99
C THR B 10 -4.25 -4.87 -3.07
N ILE B 11 -3.62 -4.01 -3.87
CA ILE B 11 -2.71 -4.49 -4.87
C ILE B 11 -1.39 -3.75 -4.72
N VAL B 12 -0.32 -4.52 -4.89
CA VAL B 12 1.02 -4.07 -4.86
C VAL B 12 1.67 -4.39 -6.19
N GLY B 13 2.32 -3.40 -6.79
CA GLY B 13 2.99 -3.57 -8.02
C GLY B 13 3.54 -2.26 -8.54
N ASN B 14 3.83 -2.25 -9.84
CA ASN B 14 4.52 -1.10 -10.42
C ASN B 14 3.57 -0.44 -11.40
N LEU B 15 3.64 0.88 -11.42
CA LEU B 15 2.90 1.58 -12.46
C LEU B 15 3.45 1.24 -13.84
N THR B 16 2.54 1.02 -14.80
CA THR B 16 2.97 0.78 -16.18
C THR B 16 3.41 2.07 -16.89
N ALA B 17 2.95 3.24 -16.46
CA ALA B 17 3.27 4.50 -17.11
C ALA B 17 3.01 5.63 -16.10
N ASP B 18 3.41 6.85 -16.45
CA ASP B 18 3.08 7.98 -15.64
C ASP B 18 1.56 8.04 -15.49
N PRO B 19 1.02 8.34 -14.31
CA PRO B 19 -0.42 8.49 -14.21
C PRO B 19 -0.90 9.57 -15.21
N GLU B 20 -2.02 9.31 -15.90
CA GLU B 20 -2.62 10.27 -16.79
C GLU B 20 -3.65 11.10 -16.01
N LEU B 21 -3.46 12.41 -15.98
CA LEU B 21 -4.33 13.31 -15.25
C LEU B 21 -5.29 13.98 -16.24
N ARG B 22 -6.58 13.99 -15.95
CA ARG B 22 -7.56 14.65 -16.83
C ARG B 22 -8.61 15.32 -15.93
N PHE B 23 -9.48 16.13 -16.55
CA PHE B 23 -10.51 16.86 -15.86
C PHE B 23 -11.87 16.47 -16.44
N THR B 24 -12.88 16.42 -15.56
CA THR B 24 -14.25 16.13 -15.92
C THR B 24 -14.92 17.45 -16.28
N PRO B 25 -16.17 17.42 -16.82
CA PRO B 25 -16.95 18.64 -17.07
C PRO B 25 -17.21 19.45 -15.81
N SER B 26 -17.27 18.76 -14.68
CA SER B 26 -17.42 19.45 -13.40
C SER B 26 -16.11 20.16 -13.01
N GLY B 27 -15.00 19.91 -13.72
CA GLY B 27 -13.68 20.46 -13.28
C GLY B 27 -12.98 19.57 -12.25
N ALA B 28 -13.58 18.45 -11.85
CA ALA B 28 -12.93 17.47 -10.97
C ALA B 28 -11.73 16.79 -11.69
N ALA B 29 -10.59 16.69 -10.98
CA ALA B 29 -9.43 15.98 -11.46
C ALA B 29 -9.71 14.47 -11.40
N VAL B 30 -9.16 13.73 -12.34
CA VAL B 30 -9.19 12.29 -12.29
C VAL B 30 -7.89 11.81 -12.91
N ALA B 31 -7.26 10.85 -12.23
CA ALA B 31 -6.05 10.22 -12.70
C ALA B 31 -6.30 8.72 -12.89
N ASN B 32 -5.77 8.23 -14.00
CA ASN B 32 -5.90 6.84 -14.41
C ASN B 32 -4.50 6.25 -14.57
N PHE B 33 -4.33 5.00 -14.14
CA PHE B 33 -3.04 4.31 -14.23
C PHE B 33 -3.32 2.83 -14.05
N THR B 34 -2.34 2.00 -14.40
CA THR B 34 -2.41 0.55 -14.33
C THR B 34 -1.31 0.11 -13.39
N VAL B 35 -1.66 -0.75 -12.42
CA VAL B 35 -0.71 -1.38 -11.55
C VAL B 35 -0.47 -2.79 -12.10
N ALA B 36 0.80 -3.10 -12.35
CA ALA B 36 1.24 -4.40 -12.74
C ALA B 36 1.79 -5.11 -11.51
N SER B 37 1.06 -6.12 -11.06
CA SER B 37 1.49 -6.87 -9.93
C SER B 37 2.18 -8.12 -10.41
N THR B 38 3.48 -8.21 -10.19
CA THR B 38 4.22 -9.50 -10.44
C THR B 38 4.28 -10.36 -9.17
N PRO B 39 3.66 -11.54 -9.15
CA PRO B 39 3.84 -12.42 -8.01
C PRO B 39 5.16 -13.21 -8.18
N ARG B 40 5.51 -14.00 -7.18
CA ARG B 40 6.67 -14.90 -7.22
C ARG B 40 6.16 -16.33 -7.00
N ILE B 41 6.70 -17.26 -7.79
CA ILE B 41 6.43 -18.68 -7.77
C ILE B 41 7.69 -19.40 -7.26
N TYR B 42 7.51 -20.24 -6.22
CA TYR B 42 8.55 -21.18 -5.83
C TYR B 42 8.50 -22.43 -6.71
N ASP B 43 9.63 -22.74 -7.38
CA ASP B 43 9.77 -24.01 -8.08
C ASP B 43 10.36 -25.03 -7.10
N ARG B 44 9.62 -26.11 -6.84
CA ARG B 44 10.06 -27.20 -5.97
C ARG B 44 11.31 -27.85 -6.57
N GLN B 45 11.25 -28.16 -7.87
CA GLN B 45 12.33 -28.83 -8.63
C GLN B 45 13.66 -28.08 -8.43
N THR B 46 13.75 -26.85 -8.95
CA THR B 46 14.99 -26.07 -8.95
C THR B 46 15.34 -25.62 -7.53
N GLY B 47 14.32 -25.46 -6.67
CA GLY B 47 14.48 -24.91 -5.31
C GLY B 47 14.73 -23.41 -5.29
N GLU B 48 14.27 -22.69 -6.34
CA GLU B 48 14.44 -21.22 -6.43
C GLU B 48 13.08 -20.56 -6.77
N TRP B 49 12.90 -19.34 -6.26
CA TRP B 49 11.77 -18.46 -6.62
C TRP B 49 11.95 -17.96 -8.07
N LYS B 50 10.84 -17.87 -8.80
CA LYS B 50 10.87 -17.22 -10.09
C LYS B 50 9.77 -16.15 -10.09
N ASP B 51 9.82 -15.23 -11.07
CA ASP B 51 8.76 -14.23 -11.33
C ASP B 51 7.58 -14.97 -11.94
N GLY B 52 6.40 -14.77 -11.37
CA GLY B 52 5.19 -15.29 -11.93
C GLY B 52 4.66 -14.37 -13.00
N GLU B 53 3.38 -14.55 -13.33
CA GLU B 53 2.66 -13.78 -14.34
C GLU B 53 1.98 -12.54 -13.75
N ALA B 54 2.39 -11.36 -14.23
CA ALA B 54 1.84 -10.09 -13.76
C ALA B 54 0.34 -10.03 -14.01
N LEU B 55 -0.37 -9.45 -13.04
CA LEU B 55 -1.75 -9.06 -13.09
C LEU B 55 -1.79 -7.53 -13.30
N PHE B 56 -2.64 -7.08 -14.22
CA PHE B 56 -2.73 -5.65 -14.57
C PHE B 56 -4.10 -5.12 -14.21
N LEU B 57 -4.15 -4.18 -13.26
CA LEU B 57 -5.43 -3.63 -12.87
C LEU B 57 -5.43 -2.14 -13.19
N ARG B 58 -6.45 -1.70 -13.91
CA ARG B 58 -6.63 -0.30 -14.19
C ARG B 58 -7.28 0.35 -12.96
N CYS B 59 -6.75 1.53 -12.59
CA CYS B 59 -7.12 2.25 -11.39
C CYS B 59 -7.61 3.63 -11.81
N ASN B 60 -8.55 4.14 -11.02
CA ASN B 60 -9.12 5.47 -11.12
C ASN B 60 -9.01 6.13 -9.75
N ILE B 61 -8.54 7.36 -9.69
CA ILE B 61 -8.57 8.13 -8.44
C ILE B 61 -8.96 9.58 -8.75
N TRP B 62 -9.58 10.25 -7.77
CA TRP B 62 -10.30 11.47 -8.00
C TRP B 62 -9.79 12.62 -7.12
N ARG B 63 -9.98 13.85 -7.64
CA ARG B 63 -9.84 15.11 -6.88
C ARG B 63 -8.40 15.32 -6.41
N GLU B 64 -8.23 15.75 -5.16
CA GLU B 64 -6.93 16.16 -4.67
C GLU B 64 -5.96 14.97 -4.72
N ALA B 65 -6.44 13.79 -4.34
CA ALA B 65 -5.58 12.60 -4.38
C ALA B 65 -5.07 12.35 -5.81
N ALA B 66 -5.90 12.64 -6.82
CA ALA B 66 -5.52 12.45 -8.20
C ALA B 66 -4.32 13.36 -8.54
N GLU B 67 -4.43 14.64 -8.16
CA GLU B 67 -3.36 15.58 -8.32
C GLU B 67 -2.10 15.14 -7.55
N ASN B 68 -2.26 14.64 -6.32
CA ASN B 68 -1.14 14.24 -5.51
C ASN B 68 -0.39 13.10 -6.21
N VAL B 69 -1.15 12.14 -6.76
CA VAL B 69 -0.56 11.02 -7.46
C VAL B 69 0.19 11.47 -8.72
N ALA B 70 -0.46 12.34 -9.51
CA ALA B 70 0.07 12.79 -10.79
C ALA B 70 1.37 13.58 -10.57
N GLU B 71 1.46 14.31 -9.47
CA GLU B 71 2.71 15.01 -9.13
C GLU B 71 3.79 14.06 -8.58
N SER B 72 3.41 12.98 -7.89
CA SER B 72 4.36 12.25 -7.05
C SER B 72 4.91 10.98 -7.73
N LEU B 73 4.11 10.36 -8.59
CA LEU B 73 4.42 8.99 -9.04
C LEU B 73 4.71 8.97 -10.53
N THR B 74 5.64 8.11 -10.93
CA THR B 74 6.00 8.00 -12.35
C THR B 74 6.01 6.53 -12.78
N ARG B 75 6.05 6.32 -14.10
CA ARG B 75 6.27 5.02 -14.70
C ARG B 75 7.23 4.18 -13.85
N GLY B 76 6.81 2.96 -13.52
CA GLY B 76 7.63 1.97 -12.85
C GLY B 76 7.62 2.08 -11.32
N ALA B 77 7.04 3.16 -10.76
CA ALA B 77 7.03 3.30 -9.32
C ALA B 77 6.31 2.09 -8.70
N ARG B 78 6.91 1.57 -7.63
CA ARG B 78 6.29 0.52 -6.84
C ARG B 78 5.28 1.17 -5.88
N VAL B 79 4.03 0.75 -5.99
CA VAL B 79 2.93 1.33 -5.21
C VAL B 79 2.18 0.27 -4.43
N ILE B 80 1.49 0.73 -3.39
N ILE B 80 1.54 0.73 -3.35
CA ILE B 80 0.53 -0.05 -2.66
CA ILE B 80 0.51 0.00 -2.63
C ILE B 80 -0.83 0.68 -2.74
C ILE B 80 -0.82 0.73 -2.82
N VAL B 81 -1.84 -0.03 -3.26
CA VAL B 81 -3.12 0.49 -3.59
C VAL B 81 -4.19 -0.27 -2.80
N SER B 82 -5.04 0.50 -2.10
CA SER B 82 -6.23 -0.03 -1.46
C SER B 82 -7.43 0.63 -2.13
N GLY B 83 -8.37 -0.17 -2.61
CA GLY B 83 -9.54 0.38 -3.23
C GLY B 83 -10.63 -0.64 -3.35
N ARG B 84 -11.56 -0.33 -4.24
CA ARG B 84 -12.79 -1.07 -4.43
C ARG B 84 -12.89 -1.49 -5.89
N LEU B 85 -13.17 -2.77 -6.13
CA LEU B 85 -13.46 -3.26 -7.47
C LEU B 85 -14.82 -2.75 -7.91
N LYS B 86 -14.87 -2.25 -9.14
CA LYS B 86 -16.01 -1.59 -9.74
C LYS B 86 -16.01 -2.00 -11.21
N GLN B 87 -17.18 -2.47 -11.65
CA GLN B 87 -17.46 -2.86 -13.00
C GLN B 87 -18.10 -1.66 -13.73
N ARG B 88 -17.63 -1.38 -14.94
CA ARG B 88 -18.31 -0.43 -15.81
C ARG B 88 -18.28 -0.96 -17.25
N SER B 89 -19.29 -0.54 -18.03
CA SER B 89 -19.52 -0.93 -19.43
C SER B 89 -19.33 0.27 -20.34
N PHE B 90 -18.83 0.01 -21.56
CA PHE B 90 -18.41 1.05 -22.55
C PHE B 90 -18.76 0.58 -23.98
N GLU B 91 -19.06 1.59 -24.83
CA GLU B 91 -19.73 1.50 -26.16
C GLU B 91 -19.01 0.55 -27.12
N THR B 92 -17.90 1.00 -27.71
CA THR B 92 -17.00 0.15 -28.58
C THR B 92 -17.33 0.28 -30.08
N ARG B 93 -18.51 0.83 -30.43
CA ARG B 93 -18.79 1.37 -31.81
C ARG B 93 -19.60 0.37 -32.65
N GLU B 94 -19.13 -0.88 -32.74
CA GLU B 94 -19.76 -1.94 -33.56
C GLU B 94 -20.99 -2.52 -32.87
N GLY B 95 -21.55 -1.79 -31.89
CA GLY B 95 -22.84 -2.12 -31.27
C GLY B 95 -22.74 -3.18 -30.18
N GLU B 96 -21.54 -3.34 -29.60
CA GLU B 96 -21.34 -4.29 -28.51
C GLU B 96 -20.69 -3.56 -27.33
N LYS B 97 -21.32 -3.66 -26.16
CA LYS B 97 -20.77 -3.17 -24.90
C LYS B 97 -19.77 -4.21 -24.36
N ARG B 98 -18.58 -3.71 -24.01
CA ARG B 98 -17.58 -4.43 -23.23
C ARG B 98 -17.68 -3.97 -21.76
N THR B 99 -17.55 -4.90 -20.81
CA THR B 99 -17.45 -4.55 -19.40
C THR B 99 -15.98 -4.65 -18.97
N VAL B 100 -15.58 -3.81 -18.03
CA VAL B 100 -14.26 -3.83 -17.46
C VAL B 100 -14.39 -3.69 -15.94
N ILE B 101 -13.52 -4.43 -15.25
CA ILE B 101 -13.32 -4.38 -13.80
C ILE B 101 -12.10 -3.50 -13.55
N GLU B 102 -12.30 -2.42 -12.79
CA GLU B 102 -11.30 -1.44 -12.44
C GLU B 102 -11.31 -1.26 -10.91
N VAL B 103 -10.22 -0.68 -10.42
CA VAL B 103 -10.07 -0.28 -9.03
C VAL B 103 -10.31 1.23 -8.86
N GLU B 104 -11.33 1.57 -8.06
CA GLU B 104 -11.58 2.89 -7.57
C GLU B 104 -10.75 3.04 -6.30
N VAL B 105 -9.73 3.87 -6.35
CA VAL B 105 -8.71 3.91 -5.35
C VAL B 105 -9.21 4.71 -4.15
N ASP B 106 -9.05 4.13 -2.96
CA ASP B 106 -9.25 4.83 -1.69
C ASP B 106 -7.94 5.40 -1.16
N GLU B 107 -6.86 4.60 -1.15
CA GLU B 107 -5.53 5.12 -0.77
C GLU B 107 -4.47 4.49 -1.68
N ILE B 108 -3.47 5.29 -1.98
CA ILE B 108 -2.30 4.83 -2.69
C ILE B 108 -1.10 5.49 -2.05
N GLY B 109 0.02 4.77 -2.02
CA GLY B 109 1.31 5.34 -1.62
C GLY B 109 2.45 4.61 -2.32
N PRO B 110 3.63 5.27 -2.49
CA PRO B 110 4.82 4.61 -3.03
C PRO B 110 5.30 3.65 -1.93
N SER B 111 5.58 2.40 -2.33
CA SER B 111 6.22 1.44 -1.40
C SER B 111 7.67 1.87 -1.06
N LEU B 112 8.05 1.66 0.21
CA LEU B 112 9.37 1.86 0.68
C LEU B 112 10.17 0.57 0.64
N ARG B 113 9.75 -0.46 -0.13
CA ARG B 113 10.54 -1.67 -0.19
C ARG B 113 11.93 -1.40 -0.78
N TYR B 114 11.95 -0.64 -1.88
CA TYR B 114 13.22 -0.37 -2.59
C TYR B 114 13.49 1.12 -2.73
N ALA B 115 12.75 1.97 -2.01
CA ALA B 115 12.85 3.39 -2.21
C ALA B 115 12.61 4.12 -0.89
N THR B 116 13.06 5.39 -0.87
CA THR B 116 12.72 6.30 0.15
C THR B 116 11.75 7.29 -0.46
N ALA B 117 11.06 8.00 0.41
CA ALA B 117 10.23 9.07 0.02
C ALA B 117 10.44 10.18 1.04
N LYS B 118 10.34 11.42 0.55
CA LYS B 118 10.20 12.62 1.34
C LYS B 118 8.73 13.04 1.19
N VAL B 119 7.96 12.91 2.27
CA VAL B 119 6.57 13.25 2.33
C VAL B 119 6.44 14.76 2.51
N ASN B 120 5.65 15.39 1.65
CA ASN B 120 5.29 16.79 1.78
C ASN B 120 3.81 16.85 2.16
N LYS B 121 3.53 16.75 3.47
CA LYS B 121 2.17 16.82 4.02
C LYS B 121 1.66 18.24 3.79
N ALA B 122 0.68 18.38 2.88
CA ALA B 122 0.27 19.66 2.31
C ALA B 122 -0.29 20.57 3.41
C FMT C . -2.53 -16.88 10.68
O1 FMT C . -3.34 -17.36 9.86
O2 FMT C . -1.19 -17.19 10.65
C FMT D . -5.96 -20.81 8.12
O1 FMT D . -6.09 -19.62 7.80
O2 FMT D . -5.21 -21.63 7.34
C FMT E . 4.95 3.80 -20.84
O1 FMT E . 5.19 4.99 -21.07
O2 FMT E . 5.47 3.20 -19.74
C FMT F . -11.67 -7.21 -16.54
O1 FMT F . -12.76 -7.50 -16.21
O2 FMT F . -11.52 -5.92 -16.80
#